data_3PYZ
#
_entry.id   3PYZ
#
_cell.length_a   60.627
_cell.length_b   77.713
_cell.length_c   122.292
_cell.angle_alpha   90.00
_cell.angle_beta   90.00
_cell.angle_gamma   90.00
#
_symmetry.space_group_name_H-M   'P 21 21 21'
#
loop_
_entity.id
_entity.type
_entity.pdbx_description
1 polymer 'Bifunctional folylpolyglutamate synthase/dihydrofolate synthase'
2 non-polymer 'PHOSPHOAMINOPHOSPHONIC ACID-ADENYLATE ESTER'
3 non-polymer 'MANGANESE (II) ION'
4 water water
#
_entity_poly.entity_id   1
_entity_poly.type   'polypeptide(L)'
_entity_poly.pdbx_seq_one_letter_code
;SNAMNNHQTPQATSPLAAWLCYLEHLHSQPIELGLERVKQVAERLDLLKPAPKIFTVAGTNGKGTTCCTLEAILLAAGLR
VGVYSSPHLLRYTERVRIQGQELSEAEHSHSFAQIEAGRGDISLTYFEFGTLSALQLFKQAKLDVVILEVGLGGRLDATN
IVDSDVAAITSIALDHTDWLGYDRESIGREKAGVFRGGKPAVVGEPDMPQSIADVAAELGAQLYRRDVAWKFSQQEPFDQ
QEPVDQQINGWHWQCGERQLTGLPVPNVPLANAATALAVLHYSELPLSDEAIRQGLQAASLPGRFQVVSEQPLLILDVAH
NPHAARYLVNRLAQVINPVNASKQGKVRAVVGMLSDKDIAGTLACLSERVDEWYCAPLEGPRGASAGQLAEHLVSARQFS
DVETAWRQAMQDADTQDVVIVCGSFHTVAHVMAALHL
;
_entity_poly.pdbx_strand_id   A
#
loop_
_chem_comp.id
_chem_comp.type
_chem_comp.name
_chem_comp.formula
ANP non-polymer 'PHOSPHOAMINOPHOSPHONIC ACID-ADENYLATE ESTER' 'C10 H17 N6 O12 P3'
MN non-polymer 'MANGANESE (II) ION' 'Mn 2'
#
# COMPACT_ATOMS: atom_id res chain seq x y z
N GLN A 8 18.05 -25.30 9.24
CA GLN A 8 19.17 -24.53 9.88
C GLN A 8 19.02 -22.97 9.75
N THR A 9 19.65 -22.26 10.68
CA THR A 9 19.52 -20.80 10.77
C THR A 9 20.48 -20.01 9.86
N PRO A 10 19.93 -19.16 8.97
CA PRO A 10 20.79 -18.35 8.10
C PRO A 10 21.69 -17.39 8.84
N GLN A 11 22.68 -16.87 8.13
CA GLN A 11 23.67 -15.96 8.68
C GLN A 11 23.73 -14.66 7.89
N ALA A 12 24.50 -13.72 8.42
CA ALA A 12 24.68 -12.43 7.78
C ALA A 12 25.09 -12.52 6.32
N THR A 13 25.89 -13.55 5.99
CA THR A 13 26.43 -13.75 4.70
C THR A 13 25.51 -14.60 3.77
N SER A 14 24.47 -15.21 4.30
CA SER A 14 23.55 -16.03 3.53
C SER A 14 22.76 -15.15 2.57
N PRO A 15 22.43 -15.68 1.40
CA PRO A 15 21.56 -15.00 0.49
C PRO A 15 20.21 -14.64 1.12
N LEU A 16 19.69 -13.53 0.65
CA LEU A 16 18.40 -13.10 1.09
C LEU A 16 17.32 -14.16 0.93
N ALA A 17 17.35 -14.91 -0.19
CA ALA A 17 16.39 -16.03 -0.40
C ALA A 17 16.39 -17.02 0.76
N ALA A 18 17.55 -17.26 1.39
CA ALA A 18 17.61 -18.21 2.48
C ALA A 18 16.99 -17.60 3.75
N TRP A 19 17.17 -16.32 3.96
CA TRP A 19 16.42 -15.65 5.03
C TRP A 19 14.90 -15.72 4.81
N LEU A 20 14.44 -15.35 3.63
CA LEU A 20 13.00 -15.39 3.32
C LEU A 20 12.43 -16.79 3.49
N CYS A 21 13.12 -17.79 2.93
CA CYS A 21 12.73 -19.18 3.14
C CYS A 21 12.65 -19.46 4.65
N TYR A 22 13.64 -19.05 5.43
CA TYR A 22 13.59 -19.23 6.88
C TYR A 22 12.42 -18.49 7.60
N LEU A 23 12.12 -17.26 7.19
CA LEU A 23 11.06 -16.51 7.87
C LEU A 23 9.70 -17.08 7.48
N GLU A 24 9.54 -17.57 6.26
CA GLU A 24 8.29 -18.21 5.84
C GLU A 24 8.02 -19.47 6.61
N HIS A 25 9.06 -20.17 7.04
CA HIS A 25 8.84 -21.42 7.75
C HIS A 25 8.77 -21.28 9.26
N LEU A 26 8.73 -20.06 9.78
CA LEU A 26 8.58 -19.88 11.23
C LEU A 26 7.26 -20.51 11.71
N HIS A 27 7.30 -21.10 12.89
CA HIS A 27 6.10 -21.78 13.43
C HIS A 27 5.39 -20.80 14.37
N SER A 28 4.67 -19.86 13.78
CA SER A 28 4.17 -18.74 14.59
C SER A 28 2.70 -18.90 15.04
N GLN A 29 2.05 -19.98 14.64
CA GLN A 29 0.68 -20.22 15.06
C GLN A 29 0.48 -20.05 16.58
N PRO A 30 1.34 -20.68 17.43
CA PRO A 30 1.07 -20.64 18.87
C PRO A 30 1.61 -19.39 19.62
N ILE A 31 2.44 -18.57 18.98
CA ILE A 31 3.10 -17.54 19.77
C ILE A 31 2.06 -16.48 20.25
N GLU A 32 2.41 -15.80 21.32
CA GLU A 32 1.47 -14.98 22.04
C GLU A 32 1.06 -13.75 21.21
N LEU A 33 -0.24 -13.57 21.03
CA LEU A 33 -0.82 -12.41 20.33
C LEU A 33 -0.52 -11.13 21.08
N GLY A 34 -0.16 -10.08 20.35
CA GLY A 34 0.12 -8.76 20.96
C GLY A 34 1.54 -8.25 20.65
N LEU A 35 1.77 -6.95 20.94
CA LEU A 35 2.99 -6.24 20.63
C LEU A 35 4.17 -6.53 21.58
N GLU A 36 3.96 -7.25 22.69
CA GLU A 36 5.03 -7.39 23.72
C GLU A 36 6.34 -8.00 23.20
N ARG A 37 6.24 -9.08 22.40
CA ARG A 37 7.45 -9.76 21.92
C ARG A 37 8.24 -8.85 21.03
N VAL A 38 7.60 -8.30 20.01
CA VAL A 38 8.32 -7.48 19.04
C VAL A 38 8.83 -6.18 19.70
N LYS A 39 8.05 -5.62 20.58
CA LYS A 39 8.46 -4.45 21.32
C LYS A 39 9.71 -4.74 22.22
N GLN A 40 9.72 -5.85 22.91
CA GLN A 40 10.93 -6.16 23.74
C GLN A 40 12.15 -6.35 22.83
N VAL A 41 11.98 -6.99 21.68
CA VAL A 41 13.14 -7.09 20.81
C VAL A 41 13.57 -5.70 20.31
N ALA A 42 12.62 -4.89 19.92
CA ALA A 42 12.98 -3.56 19.37
C ALA A 42 13.70 -2.76 20.43
N GLU A 43 13.30 -2.93 21.67
CA GLU A 43 13.93 -2.22 22.79
C GLU A 43 15.37 -2.70 23.03
N ARG A 44 15.58 -4.02 22.99
CA ARG A 44 16.95 -4.50 23.11
C ARG A 44 17.87 -3.93 22.03
N LEU A 45 17.34 -3.59 20.86
CA LEU A 45 18.19 -3.18 19.74
C LEU A 45 18.08 -1.69 19.49
N ASP A 46 17.29 -1.00 20.29
CA ASP A 46 17.18 0.47 20.25
C ASP A 46 16.60 0.95 18.91
N LEU A 47 15.50 0.34 18.49
CA LEU A 47 14.98 0.55 17.12
C LEU A 47 13.67 1.38 17.12
N LEU A 48 13.23 1.85 18.29
CA LEU A 48 11.95 2.59 18.40
C LEU A 48 11.90 3.98 17.78
N LYS A 49 13.03 4.61 17.47
CA LYS A 49 13.06 5.99 16.94
C LYS A 49 14.01 6.00 15.77
N PRO A 50 13.59 5.42 14.66
CA PRO A 50 14.45 5.35 13.50
C PRO A 50 14.82 6.68 12.88
N ALA A 51 14.01 7.71 13.06
CA ALA A 51 14.31 9.06 12.58
C ALA A 51 13.63 10.04 13.53
N PRO A 52 14.07 11.32 13.51
CA PRO A 52 13.41 12.25 14.44
C PRO A 52 11.94 12.52 14.03
N LYS A 53 11.60 12.22 12.79
CA LYS A 53 10.23 12.46 12.37
C LYS A 53 9.69 11.18 11.70
N ILE A 54 8.57 10.68 12.26
CA ILE A 54 7.93 9.46 11.79
C ILE A 54 6.45 9.60 11.42
N PHE A 55 6.08 9.11 10.25
CA PHE A 55 4.72 9.13 9.83
C PHE A 55 4.26 7.70 9.61
N THR A 56 3.08 7.34 10.09
CA THR A 56 2.58 5.98 10.03
C THR A 56 1.29 6.05 9.28
N VAL A 57 1.15 5.21 8.24
CA VAL A 57 0.01 5.30 7.35
C VAL A 57 -0.71 3.97 7.36
N ALA A 58 -1.98 4.03 7.77
CA ALA A 58 -2.89 2.89 7.78
C ALA A 58 -4.02 3.13 6.76
N GLY A 59 -4.80 2.09 6.49
CA GLY A 59 -5.95 2.21 5.59
C GLY A 59 -6.21 0.95 4.82
N THR A 60 -7.41 0.83 4.26
CA THR A 60 -7.72 -0.35 3.45
C THR A 60 -7.07 -0.27 2.09
N ASN A 61 -7.32 0.80 1.37
CA ASN A 61 -6.68 1.04 0.07
C ASN A 61 -6.00 2.42 0.14
N GLY A 62 -4.90 2.55 -0.56
CA GLY A 62 -4.26 3.80 -0.72
C GLY A 62 -3.03 4.03 0.17
N LYS A 63 -2.65 3.08 1.00
CA LYS A 63 -1.47 3.29 1.90
C LYS A 63 -0.19 3.52 1.12
N GLY A 64 0.10 2.67 0.14
CA GLY A 64 1.37 2.76 -0.59
C GLY A 64 1.47 4.05 -1.37
N THR A 65 0.39 4.46 -2.06
CA THR A 65 0.53 5.69 -2.88
C THR A 65 0.54 6.97 -2.07
N THR A 66 -0.09 6.94 -0.93
CA THR A 66 0.02 8.01 0.04
C THR A 66 1.47 8.13 0.50
N CYS A 67 2.06 7.05 0.97
CA CYS A 67 3.49 7.05 1.41
C CYS A 67 4.44 7.48 0.26
N CYS A 68 4.15 7.10 -0.98
CA CYS A 68 5.01 7.53 -2.04
C CYS A 68 4.82 9.02 -2.39
N THR A 69 3.68 9.62 -2.11
CA THR A 69 3.55 11.01 -2.33
C THR A 69 4.33 11.76 -1.26
N LEU A 70 4.14 11.40 -0.03
CA LEU A 70 4.97 11.98 1.01
C LEU A 70 6.43 11.86 0.70
N GLU A 71 6.83 10.66 0.29
CA GLU A 71 8.25 10.43 -0.06
C GLU A 71 8.78 11.38 -1.13
N ALA A 72 8.08 11.46 -2.26
CA ALA A 72 8.51 12.31 -3.38
C ALA A 72 8.63 13.76 -2.90
N ILE A 73 7.68 14.23 -2.11
CA ILE A 73 7.70 15.65 -1.74
C ILE A 73 8.86 15.90 -0.80
N LEU A 74 9.03 15.01 0.17
CA LEU A 74 10.09 15.17 1.09
C LEU A 74 11.48 15.05 0.46
N LEU A 75 11.64 14.20 -0.54
CA LEU A 75 12.94 14.12 -1.24
C LEU A 75 13.15 15.39 -2.04
N ALA A 76 12.10 15.90 -2.67
CA ALA A 76 12.25 17.10 -3.50
C ALA A 76 12.61 18.28 -2.60
N ALA A 77 12.30 18.20 -1.30
CA ALA A 77 12.69 19.22 -0.36
C ALA A 77 14.12 19.01 0.12
N GLY A 78 14.87 18.05 -0.43
CA GLY A 78 16.25 17.78 0.04
C GLY A 78 16.37 17.04 1.37
N LEU A 79 15.29 16.42 1.87
CA LEU A 79 15.39 15.66 3.14
C LEU A 79 15.78 14.21 2.92
N ARG A 80 16.35 13.58 3.95
CA ARG A 80 16.69 12.15 3.88
C ARG A 80 15.51 11.35 4.38
N VAL A 81 14.96 10.52 3.51
CA VAL A 81 13.73 9.81 3.79
C VAL A 81 13.80 8.31 3.60
N GLY A 82 13.17 7.55 4.49
CA GLY A 82 13.02 6.10 4.36
C GLY A 82 11.53 5.74 4.30
N VAL A 83 11.20 4.74 3.49
CA VAL A 83 9.84 4.26 3.44
C VAL A 83 9.80 2.73 3.62
N TYR A 84 8.91 2.27 4.47
CA TYR A 84 8.71 0.84 4.63
C TYR A 84 7.39 0.53 4.03
N SER A 85 7.32 -0.44 3.17
CA SER A 85 6.05 -0.72 2.53
C SER A 85 5.78 -2.17 2.34
N SER A 86 4.56 -2.53 2.05
CA SER A 86 4.17 -3.92 1.83
C SER A 86 2.83 -3.99 1.13
N PRO A 87 2.58 -5.19 0.53
CA PRO A 87 3.49 -6.28 0.32
C PRO A 87 4.36 -5.91 -0.89
N HIS A 88 5.09 -6.83 -1.51
CA HIS A 88 5.89 -6.50 -2.68
C HIS A 88 5.44 -7.26 -3.91
N LEU A 89 5.82 -6.75 -5.08
CA LEU A 89 5.35 -7.34 -6.34
C LEU A 89 6.30 -8.45 -6.81
N LEU A 90 7.58 -8.10 -7.04
CA LEU A 90 8.60 -9.01 -7.53
C LEU A 90 9.73 -9.34 -6.54
N ARG A 91 10.22 -8.37 -5.76
CA ARG A 91 11.38 -8.54 -4.89
C ARG A 91 11.09 -7.98 -3.49
N TYR A 92 11.48 -8.76 -2.46
CA TYR A 92 11.44 -8.35 -1.09
C TYR A 92 12.10 -7.00 -0.86
N THR A 93 13.15 -6.73 -1.59
CA THR A 93 13.87 -5.46 -1.46
C THR A 93 12.98 -4.25 -1.83
N GLU A 94 11.84 -4.45 -2.52
CA GLU A 94 10.85 -3.37 -2.65
C GLU A 94 10.38 -2.79 -1.34
N ARG A 95 10.42 -3.57 -0.26
CA ARG A 95 9.80 -3.10 0.96
C ARG A 95 10.51 -1.96 1.70
N VAL A 96 11.77 -1.68 1.39
CA VAL A 96 12.49 -0.65 2.08
C VAL A 96 13.09 0.26 1.08
N ARG A 97 12.72 1.52 1.08
CA ARG A 97 13.38 2.45 0.13
C ARG A 97 14.07 3.45 0.98
N ILE A 98 15.29 3.84 0.59
CA ILE A 98 15.99 4.95 1.23
C ILE A 98 16.42 5.88 0.11
N GLN A 99 16.16 7.17 0.26
CA GLN A 99 16.40 8.08 -0.89
C GLN A 99 15.68 7.68 -2.18
N GLY A 100 14.51 7.09 -2.04
CA GLY A 100 13.74 6.69 -3.19
C GLY A 100 14.19 5.41 -3.81
N GLN A 101 15.21 4.78 -3.26
CA GLN A 101 15.79 3.60 -3.93
C GLN A 101 15.82 2.39 -3.03
N GLU A 102 15.78 1.22 -3.65
CA GLU A 102 15.88 -0.03 -2.97
C GLU A 102 17.32 -0.26 -2.49
N LEU A 103 17.48 -1.06 -1.47
CA LEU A 103 18.82 -1.45 -1.00
C LEU A 103 19.22 -2.82 -1.55
N SER A 104 20.45 -3.26 -1.27
CA SER A 104 20.98 -4.48 -1.82
C SER A 104 20.45 -5.62 -0.95
N GLU A 105 20.41 -6.78 -1.52
CA GLU A 105 20.07 -7.97 -0.80
C GLU A 105 20.98 -8.19 0.41
N ALA A 106 22.28 -7.94 0.20
CA ALA A 106 23.23 -8.13 1.26
C ALA A 106 22.96 -7.21 2.47
N GLU A 107 22.55 -5.97 2.24
CA GLU A 107 22.18 -5.08 3.35
C GLU A 107 21.01 -5.72 4.18
N HIS A 108 20.04 -6.33 3.52
CA HIS A 108 18.94 -6.97 4.17
C HIS A 108 19.36 -8.22 4.97
N SER A 109 20.23 -9.02 4.37
CA SER A 109 20.72 -10.25 5.05
C SER A 109 21.48 -9.86 6.28
N HIS A 110 22.26 -8.80 6.20
CA HIS A 110 22.99 -8.34 7.40
C HIS A 110 22.08 -7.80 8.47
N SER A 111 21.06 -7.07 8.08
CA SER A 111 20.13 -6.51 9.02
C SER A 111 19.28 -7.64 9.69
N PHE A 112 18.78 -8.57 8.90
CA PHE A 112 18.11 -9.73 9.45
C PHE A 112 19.00 -10.47 10.45
N ALA A 113 20.29 -10.64 10.11
CA ALA A 113 21.22 -11.30 11.06
C ALA A 113 21.28 -10.57 12.40
N GLN A 114 21.23 -9.25 12.39
CA GLN A 114 21.25 -8.53 13.67
C GLN A 114 19.97 -8.78 14.44
N ILE A 115 18.85 -8.82 13.74
CA ILE A 115 17.59 -9.03 14.39
C ILE A 115 17.63 -10.42 15.04
N GLU A 116 18.16 -11.39 14.33
CA GLU A 116 18.14 -12.74 14.80
C GLU A 116 19.04 -12.87 16.03
N ALA A 117 20.17 -12.19 16.01
CA ALA A 117 21.07 -12.20 17.17
C ALA A 117 20.34 -11.54 18.31
N GLY A 118 19.75 -10.39 18.08
CA GLY A 118 19.16 -9.64 19.20
C GLY A 118 17.87 -10.20 19.81
N ARG A 119 17.13 -11.03 19.08
CA ARG A 119 15.84 -11.46 19.61
C ARG A 119 16.02 -12.53 20.69
N GLY A 120 17.18 -13.17 20.78
CA GLY A 120 17.38 -14.23 21.81
C GLY A 120 16.42 -15.42 21.60
N ASP A 121 15.61 -15.77 22.60
CA ASP A 121 14.67 -16.86 22.43
C ASP A 121 13.23 -16.30 22.27
N ILE A 122 13.11 -14.98 22.07
CA ILE A 122 11.80 -14.37 21.78
C ILE A 122 11.39 -14.71 20.33
N SER A 123 10.22 -15.28 20.18
CA SER A 123 9.69 -15.62 18.87
C SER A 123 9.06 -14.41 18.18
N LEU A 124 9.15 -14.39 16.87
CA LEU A 124 8.68 -13.30 16.04
C LEU A 124 8.06 -13.85 14.82
N THR A 125 7.01 -13.22 14.32
CA THR A 125 6.46 -13.60 13.05
C THR A 125 7.31 -13.03 11.93
N TYR A 126 7.00 -13.45 10.72
CA TYR A 126 7.60 -12.94 9.49
C TYR A 126 7.59 -11.44 9.41
N PHE A 127 6.41 -10.86 9.61
CA PHE A 127 6.22 -9.43 9.42
C PHE A 127 6.83 -8.66 10.57
N GLU A 128 6.86 -9.22 11.76
CA GLU A 128 7.57 -8.54 12.87
C GLU A 128 9.07 -8.54 12.62
N PHE A 129 9.57 -9.68 12.15
CA PHE A 129 10.99 -9.77 11.81
C PHE A 129 11.33 -8.74 10.72
N GLY A 130 10.53 -8.69 9.67
CA GLY A 130 10.77 -7.81 8.57
C GLY A 130 10.68 -6.34 8.98
N THR A 131 9.80 -6.03 9.94
CA THR A 131 9.57 -4.68 10.38
C THR A 131 10.76 -4.25 11.28
N LEU A 132 11.18 -5.10 12.18
CA LEU A 132 12.40 -4.78 12.97
C LEU A 132 13.59 -4.57 12.04
N SER A 133 13.74 -5.44 11.04
CA SER A 133 14.87 -5.27 10.11
C SER A 133 14.78 -3.90 9.38
N ALA A 134 13.59 -3.49 8.92
CA ALA A 134 13.45 -2.19 8.26
C ALA A 134 13.84 -1.05 9.23
N LEU A 135 13.41 -1.16 10.46
CA LEU A 135 13.80 -0.16 11.49
C LEU A 135 15.29 -0.07 11.67
N GLN A 136 15.96 -1.24 11.69
CA GLN A 136 17.39 -1.26 11.75
C GLN A 136 18.06 -0.60 10.53
N LEU A 137 17.63 -0.96 9.31
CA LEU A 137 18.15 -0.29 8.10
C LEU A 137 17.92 1.20 8.12
N PHE A 138 16.76 1.68 8.64
CA PHE A 138 16.54 3.13 8.67
C PHE A 138 17.43 3.78 9.75
N LYS A 139 17.54 3.13 10.91
CA LYS A 139 18.38 3.70 11.99
C LYS A 139 19.79 3.98 11.58
N GLN A 140 20.43 3.04 10.90
CA GLN A 140 21.83 3.22 10.47
C GLN A 140 21.93 4.30 9.41
N ALA A 141 20.82 4.61 8.73
CA ALA A 141 20.93 5.50 7.56
C ALA A 141 20.82 6.99 7.83
N LYS A 142 20.70 7.41 9.09
CA LYS A 142 20.79 8.85 9.46
C LYS A 142 19.78 9.68 8.66
N LEU A 143 18.52 9.37 8.88
CA LEU A 143 17.42 9.88 8.05
C LEU A 143 16.69 11.03 8.82
N ASP A 144 16.05 11.94 8.08
CA ASP A 144 15.23 12.99 8.68
C ASP A 144 13.80 12.53 8.95
N VAL A 145 13.23 11.78 8.03
CA VAL A 145 11.85 11.30 8.14
C VAL A 145 11.70 9.81 7.76
N VAL A 146 10.89 9.06 8.49
CA VAL A 146 10.64 7.66 8.15
C VAL A 146 9.14 7.52 8.03
N ILE A 147 8.70 6.90 6.96
CA ILE A 147 7.27 6.70 6.70
C ILE A 147 7.03 5.20 6.77
N LEU A 148 6.17 4.80 7.69
CA LEU A 148 5.85 3.40 7.87
C LEU A 148 4.48 3.06 7.36
N GLU A 149 4.39 2.22 6.36
CA GLU A 149 3.09 1.71 5.96
C GLU A 149 2.71 0.56 6.87
N VAL A 150 1.51 0.61 7.40
CA VAL A 150 1.03 -0.45 8.27
C VAL A 150 0.84 -1.70 7.48
N GLY A 151 1.23 -2.84 8.07
CA GLY A 151 1.09 -4.15 7.41
C GLY A 151 -0.36 -4.59 7.33
N LEU A 152 -0.99 -4.80 8.46
CA LEU A 152 -2.42 -5.07 8.55
C LEU A 152 -3.07 -4.41 9.77
N GLY A 153 -4.25 -3.85 9.57
CA GLY A 153 -4.99 -3.27 10.66
C GLY A 153 -4.29 -2.05 11.19
N GLY A 154 -3.71 -2.15 12.37
CA GLY A 154 -2.81 -1.14 12.88
C GLY A 154 -2.36 -1.38 14.29
N ARG A 155 -3.33 -1.29 15.11
CA ARG A 155 -3.31 -1.52 16.55
C ARG A 155 -2.25 -2.55 16.94
N LEU A 156 -2.38 -3.76 16.40
CA LEU A 156 -1.42 -4.84 16.70
C LEU A 156 -0.43 -5.09 15.58
N ASP A 157 -0.31 -4.15 14.68
CA ASP A 157 0.66 -4.28 13.62
C ASP A 157 1.99 -3.97 14.20
N ALA A 158 3.02 -4.60 13.64
CA ALA A 158 4.36 -4.43 14.12
C ALA A 158 4.80 -2.96 14.02
N THR A 159 4.30 -2.24 13.03
CA THR A 159 4.70 -0.83 12.87
C THR A 159 4.19 0.06 13.97
N ASN A 160 3.23 -0.40 14.76
CA ASN A 160 2.63 0.38 15.82
C ASN A 160 3.43 0.32 17.10
N ILE A 161 4.59 -0.36 17.09
CA ILE A 161 5.51 -0.20 18.23
C ILE A 161 6.24 1.14 18.20
N VAL A 162 6.25 1.82 17.07
CA VAL A 162 6.95 3.12 16.95
C VAL A 162 5.96 4.22 17.22
N ASP A 163 6.33 5.23 18.00
CA ASP A 163 5.41 6.38 18.21
C ASP A 163 5.55 7.38 17.06
N SER A 164 4.48 7.58 16.30
CA SER A 164 4.58 8.44 15.13
C SER A 164 4.29 9.88 15.58
N ASP A 165 4.81 10.82 14.83
CA ASP A 165 4.49 12.20 14.94
C ASP A 165 3.20 12.59 14.23
N VAL A 166 2.88 11.98 13.11
CA VAL A 166 1.57 12.11 12.53
C VAL A 166 1.13 10.73 12.05
N ALA A 167 -0.16 10.43 12.18
CA ALA A 167 -0.68 9.18 11.72
C ALA A 167 -1.83 9.45 10.78
N ALA A 168 -2.02 8.51 9.88
CA ALA A 168 -3.06 8.70 8.87
C ALA A 168 -3.82 7.45 8.59
N ILE A 169 -5.10 7.62 8.24
CA ILE A 169 -5.91 6.53 7.66
C ILE A 169 -6.36 6.98 6.28
N THR A 170 -6.01 6.23 5.24
CA THR A 170 -6.25 6.64 3.90
C THR A 170 -7.68 6.40 3.47
N SER A 171 -8.24 5.26 3.88
CA SER A 171 -9.58 4.86 3.52
C SER A 171 -10.01 3.68 4.39
N ILE A 172 -11.33 3.45 4.44
CA ILE A 172 -11.96 2.33 5.09
C ILE A 172 -12.92 1.65 4.11
N ALA A 173 -12.72 0.39 3.83
CA ALA A 173 -13.64 -0.35 3.02
C ALA A 173 -13.39 -1.81 3.32
N LEU A 174 -14.28 -2.64 2.86
CA LEU A 174 -14.15 -4.06 3.10
C LEU A 174 -13.16 -4.62 2.09
N ASP A 175 -12.22 -5.43 2.56
CA ASP A 175 -11.37 -6.17 1.66
C ASP A 175 -11.54 -7.67 1.75
N HIS A 176 -12.62 -8.12 2.40
CA HIS A 176 -12.83 -9.57 2.76
C HIS A 176 -14.30 -10.04 2.88
N THR A 177 -14.49 -11.36 2.94
CA THR A 177 -15.79 -12.01 2.68
C THR A 177 -16.60 -12.56 3.91
N ASP A 178 -16.32 -13.80 4.31
CA ASP A 178 -17.05 -14.49 5.40
C ASP A 178 -16.39 -14.23 6.74
N TRP A 179 -16.74 -13.08 7.36
CA TRP A 179 -15.96 -12.48 8.44
C TRP A 179 -16.74 -11.85 9.63
N LEU A 180 -16.31 -12.24 10.84
CA LEU A 180 -16.91 -11.87 12.13
C LEU A 180 -16.63 -10.45 12.50
N GLY A 181 -17.69 -9.72 12.83
CA GLY A 181 -17.56 -8.33 13.28
C GLY A 181 -16.95 -7.45 12.22
N TYR A 182 -16.94 -7.95 10.97
CA TYR A 182 -16.21 -7.36 9.89
C TYR A 182 -17.10 -6.28 9.31
N ASP A 183 -17.22 -5.15 9.98
CA ASP A 183 -17.96 -4.04 9.43
C ASP A 183 -17.08 -2.82 9.46
N ARG A 184 -17.50 -1.78 8.76
CA ARG A 184 -16.74 -0.54 8.73
C ARG A 184 -16.25 -0.05 10.11
N GLU A 185 -17.07 -0.28 11.14
CA GLU A 185 -16.79 0.26 12.45
C GLU A 185 -15.65 -0.53 13.07
N SER A 186 -15.69 -1.83 12.92
CA SER A 186 -14.69 -2.70 13.45
C SER A 186 -13.36 -2.40 12.78
N ILE A 187 -13.44 -2.21 11.47
CA ILE A 187 -12.26 -1.96 10.66
C ILE A 187 -11.60 -0.66 11.00
N GLY A 188 -12.40 0.39 11.07
CA GLY A 188 -11.93 1.66 11.45
C GLY A 188 -11.28 1.64 12.84
N ARG A 189 -11.86 0.86 13.76
CA ARG A 189 -11.37 0.84 15.13
C ARG A 189 -9.94 0.26 15.20
N GLU A 190 -9.72 -0.84 14.50
CA GLU A 190 -8.39 -1.44 14.43
C GLU A 190 -7.36 -0.40 13.88
N LYS A 191 -7.70 0.22 12.77
CA LYS A 191 -6.80 1.16 12.13
C LYS A 191 -6.49 2.35 12.98
N ALA A 192 -7.44 2.79 13.79
CA ALA A 192 -7.23 3.97 14.66
C ALA A 192 -6.26 3.74 15.80
N GLY A 193 -5.92 2.50 16.09
CA GLY A 193 -4.86 2.23 17.10
C GLY A 193 -3.42 2.72 16.75
N VAL A 194 -3.19 3.19 15.51
CA VAL A 194 -1.93 3.85 15.21
C VAL A 194 -1.92 5.33 15.67
N PHE A 195 -3.07 5.85 16.05
CA PHE A 195 -3.14 7.24 16.51
C PHE A 195 -2.38 7.41 17.81
N ARG A 196 -1.96 8.64 18.11
CA ARG A 196 -1.24 8.94 19.38
C ARG A 196 -1.83 10.17 20.11
N GLY A 197 -1.90 10.08 21.46
CA GLY A 197 -2.33 11.21 22.33
C GLY A 197 -1.50 12.45 22.02
N GLY A 198 -2.15 13.57 21.75
CA GLY A 198 -1.46 14.85 21.49
C GLY A 198 -0.90 14.97 20.09
N LYS A 199 -1.22 14.02 19.19
CA LYS A 199 -0.62 14.06 17.86
C LYS A 199 -1.71 14.16 16.79
N PRO A 200 -1.45 14.82 15.66
CA PRO A 200 -2.44 14.84 14.60
C PRO A 200 -2.80 13.43 14.10
N ALA A 201 -4.07 13.23 13.88
CA ALA A 201 -4.62 11.98 13.34
C ALA A 201 -5.36 12.39 12.05
N VAL A 202 -4.77 12.07 10.88
CA VAL A 202 -5.34 12.51 9.61
C VAL A 202 -6.25 11.41 9.07
N VAL A 203 -7.50 11.71 8.77
CA VAL A 203 -8.41 10.70 8.19
C VAL A 203 -8.80 11.17 6.81
N GLY A 204 -8.39 10.45 5.79
CA GLY A 204 -8.66 10.84 4.40
C GLY A 204 -9.84 10.10 3.82
N GLU A 205 -10.53 9.36 4.68
CA GLU A 205 -11.77 8.66 4.36
C GLU A 205 -12.94 9.59 4.50
N PRO A 206 -13.70 9.81 3.43
CA PRO A 206 -14.72 10.84 3.50
C PRO A 206 -15.96 10.35 4.25
N ASP A 207 -16.13 9.04 4.45
CA ASP A 207 -17.29 8.50 5.17
C ASP A 207 -16.80 7.76 6.40
N MET A 208 -16.36 8.51 7.38
CA MET A 208 -15.62 7.94 8.47
C MET A 208 -16.53 7.24 9.43
N PRO A 209 -16.24 6.00 9.77
CA PRO A 209 -16.99 5.40 10.91
C PRO A 209 -16.72 6.07 12.29
N GLN A 210 -17.76 6.08 13.11
CA GLN A 210 -17.71 6.71 14.41
C GLN A 210 -16.60 6.10 15.27
N SER A 211 -16.36 4.79 15.20
CA SER A 211 -15.30 4.18 16.04
C SER A 211 -13.93 4.92 15.93
N ILE A 212 -13.64 5.54 14.79
CA ILE A 212 -12.36 6.23 14.64
C ILE A 212 -12.32 7.48 15.50
N ALA A 213 -13.40 8.27 15.45
CA ALA A 213 -13.59 9.41 16.41
C ALA A 213 -13.59 8.90 17.86
N ASP A 214 -14.25 7.78 18.12
CA ASP A 214 -14.20 7.24 19.50
C ASP A 214 -12.76 6.97 19.94
N VAL A 215 -12.00 6.21 19.15
CA VAL A 215 -10.61 5.92 19.50
C VAL A 215 -9.79 7.20 19.61
N ALA A 216 -9.90 8.12 18.64
CA ALA A 216 -9.18 9.41 18.75
C ALA A 216 -9.52 10.14 20.05
N ALA A 217 -10.81 10.28 20.35
CA ALA A 217 -11.23 10.98 21.56
C ALA A 217 -10.67 10.31 22.82
N GLU A 218 -10.81 8.98 22.91
CA GLU A 218 -10.22 8.20 23.99
C GLU A 218 -8.69 8.41 24.21
N LEU A 219 -7.93 8.49 23.13
CA LEU A 219 -6.47 8.68 23.23
C LEU A 219 -6.09 10.13 23.49
N GLY A 220 -6.97 11.06 23.15
CA GLY A 220 -6.62 12.46 23.07
C GLY A 220 -5.82 12.78 21.85
N ALA A 221 -6.04 12.07 20.75
CA ALA A 221 -5.43 12.47 19.47
C ALA A 221 -6.21 13.63 18.90
N GLN A 222 -5.58 14.47 18.07
CA GLN A 222 -6.29 15.53 17.36
C GLN A 222 -6.72 15.05 15.99
N LEU A 223 -8.00 14.79 15.85
CA LEU A 223 -8.56 14.28 14.59
C LEU A 223 -8.70 15.39 13.56
N TYR A 224 -8.17 15.17 12.35
CA TYR A 224 -8.40 16.07 11.24
C TYR A 224 -8.90 15.30 10.01
N ARG A 225 -10.19 15.44 9.76
CA ARG A 225 -10.89 14.61 8.76
C ARG A 225 -11.07 15.36 7.49
N ARG A 226 -10.97 14.64 6.40
CA ARG A 226 -11.39 15.13 5.11
C ARG A 226 -12.85 15.54 5.15
N ASP A 227 -13.14 16.64 4.50
CA ASP A 227 -14.49 17.19 4.45
C ASP A 227 -15.00 17.81 5.74
N VAL A 228 -14.10 17.91 6.74
CA VAL A 228 -14.39 18.63 7.96
C VAL A 228 -13.24 19.61 8.13
N ALA A 229 -12.03 19.15 8.45
CA ALA A 229 -10.84 20.03 8.55
C ALA A 229 -10.12 20.38 7.22
N TRP A 230 -10.11 19.49 6.23
CA TRP A 230 -9.45 19.79 4.97
C TRP A 230 -10.23 19.13 3.85
N LYS A 231 -10.03 19.62 2.63
CA LYS A 231 -10.66 19.02 1.46
C LYS A 231 -9.88 19.36 0.21
N PHE A 232 -10.32 18.78 -0.92
CA PHE A 232 -9.71 18.96 -2.19
C PHE A 232 -10.75 18.78 -3.30
N SER A 233 -10.43 19.21 -4.52
CA SER A 233 -11.16 18.74 -5.68
C SER A 233 -10.32 18.87 -6.96
N GLN A 234 -10.76 18.20 -8.01
CA GLN A 234 -10.07 18.28 -9.31
C GLN A 234 -10.59 19.52 -10.03
N GLN A 235 -9.74 20.28 -10.74
CA GLN A 235 -10.21 21.35 -11.69
C GLN A 235 -10.54 20.76 -13.07
N ASN A 249 -5.82 23.94 -14.99
CA ASN A 249 -6.43 22.59 -14.99
C ASN A 249 -5.64 21.53 -14.15
N GLY A 250 -5.24 21.95 -12.94
CA GLY A 250 -4.67 21.03 -11.97
C GLY A 250 -5.74 20.56 -11.01
N TRP A 251 -5.48 20.72 -9.72
CA TRP A 251 -6.45 20.44 -8.68
C TRP A 251 -6.10 21.27 -7.47
N HIS A 252 -6.97 21.30 -6.47
CA HIS A 252 -6.85 22.25 -5.37
C HIS A 252 -7.07 21.52 -4.07
N TRP A 253 -6.44 22.03 -3.02
CA TRP A 253 -6.49 21.44 -1.71
C TRP A 253 -6.63 22.55 -0.70
N GLN A 254 -7.42 22.34 0.34
CA GLN A 254 -7.58 23.33 1.38
C GLN A 254 -7.57 22.74 2.76
N CYS A 255 -6.91 23.43 3.68
CA CYS A 255 -7.05 23.14 5.11
C CYS A 255 -7.29 24.43 5.87
N GLY A 256 -8.53 24.69 6.26
CA GLY A 256 -8.89 26.01 6.80
C GLY A 256 -8.65 27.17 5.82
N GLU A 257 -7.81 28.13 6.20
CA GLU A 257 -7.47 29.22 5.32
C GLU A 257 -6.24 28.94 4.46
N ARG A 258 -5.54 27.84 4.69
CA ARG A 258 -4.43 27.47 3.78
C ARG A 258 -4.98 26.85 2.50
N GLN A 259 -4.59 27.39 1.35
CA GLN A 259 -4.96 26.75 0.08
C GLN A 259 -3.80 26.56 -0.83
N LEU A 260 -3.79 25.40 -1.48
CA LEU A 260 -2.77 25.13 -2.49
C LEU A 260 -3.55 24.91 -3.78
N THR A 261 -3.38 25.83 -4.71
CA THR A 261 -4.22 25.83 -5.86
C THR A 261 -3.43 25.56 -7.13
N GLY A 262 -4.12 25.12 -8.17
CA GLY A 262 -3.52 24.78 -9.42
C GLY A 262 -2.41 23.78 -9.28
N LEU A 263 -2.60 22.73 -8.47
CA LEU A 263 -1.56 21.71 -8.29
C LEU A 263 -1.42 20.79 -9.52
N PRO A 264 -0.23 20.22 -9.75
CA PRO A 264 -0.15 19.25 -10.83
C PRO A 264 -0.86 17.96 -10.47
N VAL A 265 -1.56 17.38 -11.43
CA VAL A 265 -2.24 16.09 -11.20
C VAL A 265 -1.18 14.98 -11.16
N PRO A 266 -1.06 14.28 -10.02
CA PRO A 266 -0.05 13.24 -9.88
C PRO A 266 -0.52 11.90 -10.43
N ASN A 267 0.42 10.99 -10.67
CA ASN A 267 0.14 9.64 -11.08
C ASN A 267 -0.17 8.73 -9.91
N VAL A 268 -0.97 9.24 -8.97
CA VAL A 268 -1.53 8.44 -7.88
C VAL A 268 -2.94 8.90 -7.68
N PRO A 269 -3.73 8.15 -6.96
CA PRO A 269 -5.11 8.63 -6.80
C PRO A 269 -5.17 9.92 -5.99
N LEU A 270 -5.97 10.84 -6.47
CA LEU A 270 -6.05 12.20 -5.97
C LEU A 270 -6.32 12.23 -4.47
N ALA A 271 -7.17 11.32 -4.02
CA ALA A 271 -7.55 11.25 -2.64
C ALA A 271 -6.36 11.02 -1.75
N ASN A 272 -5.43 10.19 -2.24
CA ASN A 272 -4.25 9.85 -1.46
C ASN A 272 -3.20 10.94 -1.48
N ALA A 273 -3.07 11.65 -2.61
CA ALA A 273 -2.24 12.84 -2.61
C ALA A 273 -2.78 13.84 -1.62
N ALA A 274 -4.09 14.00 -1.57
CA ALA A 274 -4.69 14.91 -0.62
C ALA A 274 -4.36 14.53 0.82
N THR A 275 -4.55 13.26 1.17
CA THR A 275 -4.20 12.82 2.52
C THR A 275 -2.75 13.07 2.80
N ALA A 276 -1.90 12.80 1.81
CA ALA A 276 -0.47 13.09 1.98
C ALA A 276 -0.19 14.60 2.27
N LEU A 277 -0.79 15.50 1.51
CA LEU A 277 -0.64 16.94 1.85
C LEU A 277 -1.15 17.28 3.28
N ALA A 278 -2.25 16.64 3.70
CA ALA A 278 -2.73 16.87 5.09
C ALA A 278 -1.71 16.43 6.10
N VAL A 279 -1.09 15.27 5.87
CA VAL A 279 -0.06 14.75 6.77
C VAL A 279 1.07 15.77 6.87
N LEU A 280 1.51 16.28 5.73
CA LEU A 280 2.61 17.20 5.72
C LEU A 280 2.24 18.53 6.39
N HIS A 281 1.07 19.02 6.08
CA HIS A 281 0.55 20.22 6.74
C HIS A 281 0.57 20.13 8.24
N TYR A 282 -0.09 19.13 8.80
CA TYR A 282 -0.14 19.03 10.28
C TYR A 282 1.16 18.64 10.90
N SER A 283 2.11 18.13 10.10
CA SER A 283 3.43 17.84 10.64
C SER A 283 4.21 19.09 10.98
N GLU A 284 3.78 20.20 10.37
CA GLU A 284 4.43 21.54 10.53
C GLU A 284 5.87 21.45 10.04
N LEU A 285 6.21 20.49 9.19
CA LEU A 285 7.52 20.52 8.56
C LEU A 285 7.53 21.64 7.57
N PRO A 286 8.61 22.44 7.55
CA PRO A 286 8.72 23.51 6.60
C PRO A 286 9.08 22.98 5.22
N LEU A 287 8.22 23.23 4.24
CA LEU A 287 8.42 22.70 2.88
C LEU A 287 8.01 23.80 1.91
N SER A 288 8.78 23.92 0.81
CA SER A 288 8.59 24.94 -0.20
C SER A 288 7.50 24.60 -1.22
N ASP A 289 7.04 25.62 -1.94
CA ASP A 289 6.13 25.41 -3.04
C ASP A 289 6.73 24.49 -4.10
N GLU A 290 8.01 24.68 -4.35
CA GLU A 290 8.66 23.95 -5.42
C GLU A 290 8.79 22.42 -5.07
N ALA A 291 9.11 22.11 -3.82
CA ALA A 291 9.16 20.72 -3.35
C ALA A 291 7.82 20.00 -3.53
N ILE A 292 6.75 20.69 -3.16
CA ILE A 292 5.41 20.13 -3.25
C ILE A 292 4.99 19.87 -4.68
N ARG A 293 5.25 20.81 -5.55
CA ARG A 293 4.91 20.61 -6.96
C ARG A 293 5.81 19.58 -7.62
N GLN A 294 7.07 19.55 -7.21
CA GLN A 294 7.99 18.59 -7.83
C GLN A 294 7.64 17.21 -7.32
N GLY A 295 7.47 17.05 -6.02
CA GLY A 295 7.09 15.74 -5.48
C GLY A 295 5.85 15.21 -6.19
N LEU A 296 4.84 16.05 -6.38
CA LEU A 296 3.55 15.62 -6.92
C LEU A 296 3.71 15.15 -8.35
N GLN A 297 4.51 15.85 -9.14
CA GLN A 297 4.76 15.46 -10.54
C GLN A 297 5.58 14.17 -10.64
N ALA A 298 6.39 13.86 -9.62
CA ALA A 298 7.27 12.64 -9.58
C ALA A 298 6.54 11.43 -8.94
N ALA A 299 5.60 11.63 -8.00
CA ALA A 299 4.95 10.52 -7.28
C ALA A 299 4.29 9.45 -8.18
N SER A 300 4.62 8.18 -7.96
CA SER A 300 3.94 7.06 -8.57
C SER A 300 4.49 5.78 -8.00
N LEU A 301 3.80 4.70 -8.29
CA LEU A 301 4.19 3.39 -7.78
C LEU A 301 3.85 2.39 -8.83
N PRO A 302 4.69 1.42 -9.08
CA PRO A 302 4.37 0.38 -10.04
C PRO A 302 3.12 -0.36 -9.67
N GLY A 303 2.31 -0.62 -10.66
CA GLY A 303 1.10 -1.37 -10.50
C GLY A 303 -0.07 -0.59 -9.95
N ARG A 304 0.07 0.70 -9.85
CA ARG A 304 -1.03 1.49 -9.37
C ARG A 304 -1.44 2.42 -10.49
N PHE A 305 -2.50 2.02 -11.18
CA PHE A 305 -2.88 2.65 -12.42
C PHE A 305 -1.67 2.99 -13.27
N GLN A 306 -0.86 1.99 -13.58
CA GLN A 306 0.37 2.25 -14.29
C GLN A 306 0.12 2.01 -15.81
N VAL A 307 0.26 3.09 -16.60
CA VAL A 307 0.12 3.00 -18.06
C VAL A 307 1.41 2.45 -18.69
N VAL A 308 1.39 1.23 -19.17
CA VAL A 308 2.58 0.50 -19.63
C VAL A 308 2.72 0.70 -21.14
N SER A 309 1.68 1.17 -21.79
CA SER A 309 1.68 1.24 -23.21
C SER A 309 0.46 1.99 -23.72
N GLU A 310 0.59 2.58 -24.89
CA GLU A 310 -0.45 3.34 -25.58
C GLU A 310 -0.75 2.71 -26.93
N GLN A 311 -1.96 2.99 -27.40
CA GLN A 311 -2.46 2.60 -28.71
C GLN A 311 -2.06 1.18 -29.05
N PRO A 312 -2.53 0.18 -28.27
CA PRO A 312 -3.55 0.22 -27.19
C PRO A 312 -3.02 0.61 -25.81
N LEU A 313 -3.86 1.30 -25.05
CA LEU A 313 -3.54 1.65 -23.68
C LEU A 313 -3.46 0.35 -22.85
N LEU A 314 -2.35 0.13 -22.16
CA LEU A 314 -2.20 -1.06 -21.28
C LEU A 314 -1.97 -0.51 -19.88
N ILE A 315 -2.79 -0.92 -18.95
CA ILE A 315 -2.76 -0.39 -17.60
C ILE A 315 -2.68 -1.54 -16.60
N LEU A 316 -1.75 -1.47 -15.66
CA LEU A 316 -1.65 -2.44 -14.58
C LEU A 316 -2.14 -1.77 -13.32
N ASP A 317 -3.09 -2.42 -12.67
CA ASP A 317 -3.60 -1.92 -11.38
C ASP A 317 -3.93 -3.08 -10.47
N VAL A 318 -3.40 -3.04 -9.26
CA VAL A 318 -3.51 -4.10 -8.30
C VAL A 318 -4.82 -4.19 -7.50
N ALA A 319 -5.86 -3.49 -7.92
CA ALA A 319 -7.18 -3.51 -7.31
C ALA A 319 -7.64 -4.89 -6.97
N HIS A 320 -8.08 -5.10 -5.71
CA HIS A 320 -8.45 -6.41 -5.20
C HIS A 320 -9.57 -6.45 -4.17
N ASN A 321 -10.44 -5.47 -4.19
CA ASN A 321 -11.63 -5.47 -3.43
C ASN A 321 -12.52 -4.53 -4.18
N PRO A 322 -13.78 -4.41 -3.77
CA PRO A 322 -14.77 -3.66 -4.49
C PRO A 322 -14.54 -2.18 -4.48
N HIS A 323 -14.02 -1.69 -3.37
CA HIS A 323 -13.72 -0.26 -3.19
C HIS A 323 -12.68 0.17 -4.21
N ALA A 324 -11.61 -0.59 -4.35
CA ALA A 324 -10.58 -0.25 -5.42
C ALA A 324 -11.15 -0.38 -6.86
N ALA A 325 -11.95 -1.41 -7.08
CA ALA A 325 -12.59 -1.64 -8.39
C ALA A 325 -13.39 -0.44 -8.84
N ARG A 326 -14.15 0.10 -7.88
CA ARG A 326 -14.97 1.24 -8.13
C ARG A 326 -14.10 2.40 -8.48
N TYR A 327 -13.00 2.60 -7.76
CA TYR A 327 -12.11 3.69 -8.11
C TYR A 327 -11.62 3.43 -9.53
N LEU A 328 -11.25 2.18 -9.80
CA LEU A 328 -10.67 1.80 -11.07
C LEU A 328 -11.62 2.09 -12.21
N VAL A 329 -12.87 1.67 -12.03
CA VAL A 329 -13.93 1.92 -12.97
C VAL A 329 -14.13 3.41 -13.22
N ASN A 330 -14.08 4.24 -12.18
CA ASN A 330 -14.21 5.69 -12.38
C ASN A 330 -13.00 6.19 -13.17
N ARG A 331 -11.79 5.67 -12.87
CA ARG A 331 -10.61 6.05 -13.63
C ARG A 331 -10.65 5.66 -15.10
N LEU A 332 -11.16 4.48 -15.40
CA LEU A 332 -11.21 4.01 -16.78
C LEU A 332 -12.19 4.88 -17.59
N ALA A 333 -13.26 5.31 -16.91
CA ALA A 333 -14.24 6.25 -17.46
C ALA A 333 -13.55 7.41 -18.12
N GLN A 334 -12.70 8.12 -17.36
CA GLN A 334 -12.09 9.36 -17.83
C GLN A 334 -10.82 9.13 -18.66
N VAL A 335 -10.65 7.92 -19.18
CA VAL A 335 -9.76 7.66 -20.32
C VAL A 335 -10.48 6.77 -21.37
N ILE A 336 -11.82 6.76 -21.31
CA ILE A 336 -12.72 5.98 -22.20
C ILE A 336 -12.11 4.69 -22.75
N GLN A 344 -14.79 4.11 -31.52
CA GLN A 344 -15.27 3.67 -30.19
C GLN A 344 -14.10 3.14 -29.31
N GLY A 345 -14.00 1.83 -29.05
CA GLY A 345 -12.99 1.34 -28.09
C GLY A 345 -13.55 0.46 -26.99
N LYS A 346 -12.90 -0.68 -26.75
CA LYS A 346 -13.33 -1.66 -25.77
C LYS A 346 -12.37 -1.79 -24.58
N VAL A 347 -12.91 -2.28 -23.48
CA VAL A 347 -12.13 -2.48 -22.25
C VAL A 347 -11.95 -3.97 -22.04
N ARG A 348 -10.71 -4.42 -22.11
CA ARG A 348 -10.42 -5.85 -21.97
C ARG A 348 -9.69 -6.01 -20.65
N ALA A 349 -10.19 -6.86 -19.77
CA ALA A 349 -9.59 -7.04 -18.42
C ALA A 349 -8.93 -8.38 -18.32
N VAL A 350 -7.67 -8.34 -17.92
CA VAL A 350 -6.93 -9.54 -17.60
C VAL A 350 -6.92 -9.63 -16.11
N VAL A 351 -7.61 -10.62 -15.63
CA VAL A 351 -7.89 -10.72 -14.19
C VAL A 351 -7.43 -12.04 -13.64
N GLY A 352 -6.82 -11.96 -12.46
CA GLY A 352 -6.55 -13.09 -11.59
C GLY A 352 -6.69 -12.57 -10.16
N MET A 353 -7.30 -13.37 -9.29
CA MET A 353 -7.54 -13.03 -7.86
C MET A 353 -7.30 -14.19 -6.88
N LEU A 354 -7.27 -13.81 -5.61
CA LEU A 354 -7.16 -14.75 -4.52
C LEU A 354 -8.52 -15.09 -3.96
N SER A 355 -8.59 -16.33 -3.54
CA SER A 355 -9.76 -16.99 -2.95
C SER A 355 -10.31 -16.27 -1.70
N ASP A 356 -9.39 -15.66 -0.92
CA ASP A 356 -9.70 -14.88 0.31
C ASP A 356 -10.59 -13.68 0.02
N LYS A 357 -10.45 -13.13 -1.19
CA LYS A 357 -11.03 -11.84 -1.50
C LYS A 357 -12.47 -11.94 -1.89
N ASP A 358 -13.13 -10.79 -1.91
CA ASP A 358 -14.50 -10.66 -2.37
C ASP A 358 -14.52 -10.66 -3.93
N ILE A 359 -14.27 -11.84 -4.48
CA ILE A 359 -14.23 -12.01 -5.91
C ILE A 359 -15.52 -11.51 -6.57
N ALA A 360 -16.65 -11.83 -5.98
CA ALA A 360 -17.93 -11.50 -6.58
C ALA A 360 -18.19 -9.99 -6.60
N GLY A 361 -17.94 -9.31 -5.49
CA GLY A 361 -18.14 -7.87 -5.43
C GLY A 361 -17.19 -7.19 -6.41
N THR A 362 -15.94 -7.66 -6.44
CA THR A 362 -14.90 -7.02 -7.26
C THR A 362 -15.25 -7.11 -8.76
N LEU A 363 -15.45 -8.35 -9.21
CA LEU A 363 -15.85 -8.63 -10.60
C LEU A 363 -17.11 -7.89 -10.97
N ALA A 364 -18.07 -7.96 -10.04
CA ALA A 364 -19.35 -7.28 -10.18
C ALA A 364 -19.17 -5.78 -10.42
N CYS A 365 -18.31 -5.19 -9.62
CA CYS A 365 -18.09 -3.77 -9.77
C CYS A 365 -17.38 -3.45 -11.09
N LEU A 366 -16.38 -4.25 -11.43
CA LEU A 366 -15.62 -4.06 -12.68
C LEU A 366 -16.53 -4.27 -13.92
N SER A 367 -17.56 -5.11 -13.83
CA SER A 367 -18.38 -5.46 -14.99
C SER A 367 -19.12 -4.27 -15.54
N GLU A 368 -19.19 -3.20 -14.75
CA GLU A 368 -19.77 -1.95 -15.26
C GLU A 368 -19.07 -1.42 -16.48
N ARG A 369 -17.76 -1.54 -16.50
CA ARG A 369 -17.04 -0.96 -17.60
C ARG A 369 -16.23 -1.94 -18.40
N VAL A 370 -16.03 -3.14 -17.89
CA VAL A 370 -15.28 -4.13 -18.65
C VAL A 370 -16.18 -4.74 -19.77
N ASP A 371 -15.67 -4.72 -21.02
CA ASP A 371 -16.37 -5.36 -22.16
C ASP A 371 -15.96 -6.82 -22.39
N GLU A 372 -14.66 -7.14 -22.40
CA GLU A 372 -14.21 -8.54 -22.59
C GLU A 372 -13.34 -9.01 -21.44
N TRP A 373 -13.59 -10.22 -20.99
CA TRP A 373 -12.90 -10.74 -19.82
C TRP A 373 -11.90 -11.79 -20.20
N TYR A 374 -10.68 -11.72 -19.65
CA TYR A 374 -9.66 -12.77 -19.79
C TYR A 374 -9.18 -13.18 -18.44
N CYS A 375 -9.64 -14.36 -18.04
CA CYS A 375 -9.44 -14.90 -16.72
C CYS A 375 -8.29 -15.86 -16.73
N ALA A 376 -7.41 -15.73 -15.75
CA ALA A 376 -6.28 -16.61 -15.62
C ALA A 376 -6.27 -17.18 -14.23
N PRO A 377 -5.44 -18.20 -14.03
CA PRO A 377 -5.31 -18.74 -12.68
C PRO A 377 -4.11 -18.14 -11.95
N LEU A 378 -4.18 -18.14 -10.62
CA LEU A 378 -3.02 -17.81 -9.81
C LEU A 378 -2.48 -19.05 -9.12
N GLU A 379 -1.16 -19.22 -9.17
CA GLU A 379 -0.48 -20.31 -8.48
C GLU A 379 -0.77 -20.33 -6.97
N GLY A 380 -0.46 -21.44 -6.33
CA GLY A 380 -0.52 -21.56 -4.88
C GLY A 380 -1.88 -21.86 -4.26
N PRO A 381 -1.92 -22.00 -2.93
CA PRO A 381 -3.11 -22.38 -2.17
C PRO A 381 -4.22 -21.37 -2.25
N ARG A 382 -3.89 -20.12 -1.96
CA ARG A 382 -4.90 -19.07 -1.85
C ARG A 382 -5.46 -18.69 -3.21
N GLY A 383 -4.66 -18.93 -4.26
CA GLY A 383 -4.97 -18.50 -5.63
C GLY A 383 -6.07 -19.19 -6.42
N ALA A 384 -7.18 -18.48 -6.65
CA ALA A 384 -8.35 -18.99 -7.36
C ALA A 384 -8.07 -19.50 -8.78
N SER A 385 -8.92 -20.43 -9.23
CA SER A 385 -8.82 -21.01 -10.57
C SER A 385 -9.53 -20.12 -11.58
N ALA A 386 -9.06 -20.16 -12.83
CA ALA A 386 -9.70 -19.42 -13.93
C ALA A 386 -11.20 -19.65 -13.99
N GLY A 387 -11.63 -20.90 -13.84
CA GLY A 387 -13.05 -21.24 -13.76
C GLY A 387 -13.73 -20.71 -12.50
N GLN A 388 -12.99 -20.72 -11.40
CA GLN A 388 -13.51 -20.17 -10.14
C GLN A 388 -13.82 -18.68 -10.31
N LEU A 389 -13.10 -18.02 -11.22
CA LEU A 389 -13.40 -16.63 -11.57
C LEU A 389 -14.57 -16.56 -12.54
N ALA A 390 -14.45 -17.24 -13.68
CA ALA A 390 -15.50 -17.23 -14.74
C ALA A 390 -16.91 -17.57 -14.23
N GLU A 391 -16.96 -18.47 -13.23
CA GLU A 391 -18.20 -18.79 -12.51
C GLU A 391 -19.12 -17.59 -12.21
N HIS A 392 -18.53 -16.40 -12.12
CA HIS A 392 -19.27 -15.16 -11.79
C HIS A 392 -19.55 -14.26 -13.00
N LEU A 393 -19.01 -14.61 -14.16
CA LEU A 393 -19.05 -13.74 -15.31
C LEU A 393 -19.96 -14.33 -16.37
N VAL A 394 -20.92 -13.52 -16.81
CA VAL A 394 -21.86 -13.93 -17.84
C VAL A 394 -21.09 -14.71 -18.91
N SER A 395 -20.09 -14.09 -19.54
CA SER A 395 -19.19 -14.81 -20.44
C SER A 395 -17.78 -14.35 -20.26
N ALA A 396 -16.84 -15.28 -20.30
CA ALA A 396 -15.44 -14.93 -20.23
C ALA A 396 -14.58 -16.01 -20.80
N ARG A 397 -13.49 -15.64 -21.43
CA ARG A 397 -12.46 -16.58 -21.85
C ARG A 397 -11.55 -16.98 -20.70
N GLN A 398 -11.13 -18.23 -20.67
CA GLN A 398 -10.21 -18.76 -19.63
C GLN A 398 -8.83 -19.14 -20.18
N PHE A 399 -7.80 -19.09 -19.33
CA PHE A 399 -6.39 -19.26 -19.77
C PHE A 399 -5.49 -20.10 -18.84
N SER A 400 -4.33 -20.48 -19.40
CA SER A 400 -3.38 -21.37 -18.70
C SER A 400 -2.63 -20.59 -17.60
N ASP A 401 -2.02 -19.46 -18.00
CA ASP A 401 -1.36 -18.52 -17.09
C ASP A 401 -1.68 -17.04 -17.41
N VAL A 402 -1.33 -16.15 -16.47
CA VAL A 402 -1.58 -14.74 -16.61
C VAL A 402 -0.89 -14.20 -17.84
N GLU A 403 0.34 -14.64 -18.10
CA GLU A 403 1.07 -14.10 -19.25
C GLU A 403 0.36 -14.40 -20.59
N THR A 404 -0.28 -15.54 -20.73
CA THR A 404 -0.92 -15.90 -22.01
C THR A 404 -2.21 -15.11 -22.25
N ALA A 405 -3.06 -15.13 -21.22
CA ALA A 405 -4.22 -14.25 -21.09
C ALA A 405 -3.87 -12.82 -21.51
N TRP A 406 -2.79 -12.32 -20.94
CA TRP A 406 -2.37 -10.97 -21.20
C TRP A 406 -1.89 -10.78 -22.62
N ARG A 407 -1.02 -11.65 -23.08
CA ARG A 407 -0.55 -11.58 -24.49
C ARG A 407 -1.71 -11.74 -25.49
N GLN A 408 -2.74 -12.50 -25.15
CA GLN A 408 -3.88 -12.60 -26.06
C GLN A 408 -4.62 -11.27 -26.16
N ALA A 409 -4.78 -10.64 -24.99
CA ALA A 409 -5.60 -9.47 -24.91
C ALA A 409 -4.88 -8.44 -25.72
N MET A 410 -3.55 -8.44 -25.64
CA MET A 410 -2.76 -7.50 -26.41
C MET A 410 -2.88 -7.81 -27.93
N GLN A 411 -2.94 -9.08 -28.30
CA GLN A 411 -3.11 -9.43 -29.73
C GLN A 411 -4.41 -8.84 -30.25
N ASP A 412 -5.50 -9.14 -29.52
CA ASP A 412 -6.87 -8.65 -29.78
C ASP A 412 -6.94 -7.10 -29.82
N ALA A 413 -6.18 -6.40 -29.02
CA ALA A 413 -6.42 -4.94 -28.90
C ALA A 413 -6.29 -4.08 -30.19
N ASP A 414 -7.40 -3.43 -30.57
CA ASP A 414 -7.32 -2.31 -31.50
C ASP A 414 -6.76 -1.10 -30.76
N THR A 415 -6.29 -0.14 -31.51
CA THR A 415 -5.42 0.90 -30.97
C THR A 415 -6.19 1.88 -30.05
N GLN A 416 -7.50 1.83 -30.18
CA GLN A 416 -8.42 2.60 -29.36
C GLN A 416 -8.88 1.85 -28.08
N ASP A 417 -8.59 0.54 -28.00
CA ASP A 417 -8.91 -0.29 -26.82
C ASP A 417 -8.11 0.05 -25.56
N VAL A 418 -8.58 -0.51 -24.45
CA VAL A 418 -7.86 -0.47 -23.17
C VAL A 418 -7.78 -1.90 -22.65
N VAL A 419 -6.55 -2.37 -22.32
CA VAL A 419 -6.35 -3.63 -21.61
C VAL A 419 -5.95 -3.28 -20.18
N ILE A 420 -6.71 -3.77 -19.21
CA ILE A 420 -6.41 -3.51 -17.80
C ILE A 420 -6.02 -4.83 -17.15
N VAL A 421 -4.84 -4.91 -16.54
CA VAL A 421 -4.44 -6.09 -15.77
C VAL A 421 -4.72 -5.83 -14.31
N CYS A 422 -5.52 -6.69 -13.67
CA CYS A 422 -5.95 -6.38 -12.33
C CYS A 422 -6.43 -7.57 -11.56
N GLY A 423 -6.82 -7.33 -10.31
CA GLY A 423 -7.33 -8.35 -9.41
C GLY A 423 -6.44 -8.77 -8.24
N SER A 424 -5.15 -8.60 -8.37
CA SER A 424 -4.25 -9.00 -7.30
C SER A 424 -2.92 -8.45 -7.61
N PHE A 425 -2.10 -8.33 -6.60
CA PHE A 425 -0.69 -8.14 -6.79
C PHE A 425 -0.04 -9.14 -7.69
N HIS A 426 -0.41 -10.41 -7.57
CA HIS A 426 0.29 -11.43 -8.33
C HIS A 426 -0.07 -11.34 -9.84
N THR A 427 -1.28 -10.98 -10.13
CA THR A 427 -1.64 -10.79 -11.52
C THR A 427 -0.81 -9.70 -12.17
N VAL A 428 -0.65 -8.57 -11.47
CA VAL A 428 0.18 -7.50 -12.00
C VAL A 428 1.64 -7.96 -12.04
N ALA A 429 2.08 -8.67 -11.01
CA ALA A 429 3.51 -9.07 -10.95
C ALA A 429 3.87 -9.93 -12.18
N HIS A 430 3.04 -10.90 -12.50
CA HIS A 430 3.30 -11.69 -13.74
C HIS A 430 3.55 -10.83 -14.96
N VAL A 431 2.75 -9.78 -15.17
CA VAL A 431 2.98 -8.98 -16.36
C VAL A 431 4.17 -8.05 -16.17
N MET A 432 4.37 -7.56 -14.95
CA MET A 432 5.58 -6.83 -14.70
C MET A 432 6.79 -7.70 -15.02
N ALA A 433 6.71 -8.97 -14.60
CA ALA A 433 7.81 -9.93 -14.70
C ALA A 433 7.85 -10.62 -16.08
N ALA A 434 6.71 -10.95 -16.68
CA ALA A 434 6.70 -11.32 -18.08
C ALA A 434 7.23 -10.15 -18.93
N LEU A 435 7.00 -8.90 -18.54
CA LEU A 435 7.56 -7.75 -19.25
C LEU A 435 8.85 -7.43 -18.66
N HIS A 436 9.23 -8.16 -17.60
CA HIS A 436 10.46 -7.89 -16.87
C HIS A 436 10.66 -6.33 -16.64
N LEU A 437 9.60 -5.64 -16.25
CA LEU A 437 9.68 -4.18 -16.05
C LEU A 437 9.93 -3.91 -14.56
PG ANP B . -1.74 -2.79 -1.53
O1G ANP B . -2.24 -4.30 -1.49
O2G ANP B . -0.21 -2.61 -0.99
O3G ANP B . -1.85 -2.24 -2.95
PB ANP B . -2.39 -0.14 -0.34
O1B ANP B . -3.33 0.20 0.82
O2B ANP B . -0.81 -0.22 -0.04
N3B ANP B . -2.78 -1.81 -0.54
PA ANP B . -2.11 1.30 -2.85
O1A ANP B . -1.80 2.80 -2.79
O2A ANP B . -0.94 0.34 -3.28
O3A ANP B . -2.93 0.65 -1.64
O5' ANP B . -3.26 1.21 -3.98
C5' ANP B . -3.76 -0.10 -4.27
C4' ANP B . -4.98 0.00 -5.19
O4' ANP B . -6.14 0.41 -4.42
C3' ANP B . -4.81 1.01 -6.30
O3' ANP B . -4.27 0.37 -7.50
C2' ANP B . -6.21 1.36 -6.58
O2' ANP B . -6.82 0.23 -7.30
C1' ANP B . -6.89 1.40 -5.22
N9 ANP B . -6.83 2.62 -4.39
C8 ANP B . -5.80 3.30 -3.88
N7 ANP B . -6.22 4.33 -3.12
C5 ANP B . -7.59 4.29 -3.15
C6 ANP B . -8.58 5.06 -2.59
N6 ANP B . -8.36 6.17 -1.78
N1 ANP B . -9.84 4.70 -2.86
C2 ANP B . -10.15 3.63 -3.64
N3 ANP B . -9.21 2.88 -4.21
C4 ANP B . -7.93 3.21 -3.96
MN MN C . 0.57 -1.64 0.52
#